data_1HWN
#
_entry.id   1HWN
#
_cell.length_a   73.600
_cell.length_b   73.600
_cell.length_c   190.900
_cell.angle_alpha   90.00
_cell.angle_beta   90.00
_cell.angle_gamma   120.00
#
_symmetry.space_group_name_H-M   'P 32 2 1'
#
loop_
_entity.id
_entity.type
_entity.pdbx_description
1 polymer EBULIN
2 polymer EBULIN
3 branched 2-acetamido-2-deoxy-beta-D-glucopyranose-(1-4)-2-acetamido-2-deoxy-beta-D-glucopyranose
4 non-polymer beta-D-galactopyranose
5 water water
#
loop_
_entity_poly.entity_id
_entity_poly.type
_entity_poly.pdbx_seq_one_letter_code
_entity_poly.pdbx_strand_id
1 'polypeptide(L)'
;IDYPSVSFNLAGAKSTTYRDFLKNLRDRVATGTYEVNGLPVLRRESEVQVKNRFVLVRLTNYNGDTVTSAVDVTNLYLVA
FSANGNSYFFKDATELQKSNLFLGTTQHTLSFTGNYDNLETAAGTRRESIELGPNPLDGAITSLWYDGGVARSLLVLIQM
VPEAARFRYIEQEVRRSLQQLTSFTPNALMLSMENNWSSMSLEVQLSGDNVSPFSGTVQLQNYDHTPRLVDNFEELYKIT
GIAILLFRCVATKT
;
A
2 'polypeptide(L)'
;DGETCAIPAPFTRRIVGRDGLCVDVRNGYDTDGTPIQLWPCGTQRNQQWTFYNDKTIRSMGKCMTANGLNSGSYIMITDC
STAAEDATKWEVLIDGSIINPSSGLVMTAPSGASRTTLLLENNIHAASQGWTVSNDVQPIATLIVGYNEMCLQANGENNN
VWMEDCDVTSVQQQWALFDDRTIRVNNSRGLCVTSNGYVSKDLIVIRKCQGLATQRWFFNSDGSVVNLKSTRVMDVKESD
VSLQEVIIFPATGNPNQQWRTQVPQI
;
B
#
loop_
_chem_comp.id
_chem_comp.type
_chem_comp.name
_chem_comp.formula
GAL D-saccharide, beta linking beta-D-galactopyranose 'C6 H12 O6'
NAG D-saccharide, beta linking 2-acetamido-2-deoxy-beta-D-glucopyranose 'C8 H15 N O6'
#
# COMPACT_ATOMS: atom_id res chain seq x y z
N ILE A 1 14.86 26.40 20.11
CA ILE A 1 14.34 25.67 18.93
C ILE A 1 12.82 25.56 18.96
N ASP A 2 12.15 26.48 18.26
CA ASP A 2 10.69 26.49 18.21
C ASP A 2 10.19 25.39 17.28
N TYR A 3 10.26 24.16 17.75
CA TYR A 3 9.82 23.00 16.96
C TYR A 3 8.34 23.11 16.59
N PRO A 4 8.00 22.74 15.35
CA PRO A 4 6.60 22.80 14.91
C PRO A 4 5.76 21.79 15.69
N SER A 5 4.49 21.65 15.33
CA SER A 5 3.63 20.70 16.03
C SER A 5 2.28 20.47 15.35
N VAL A 6 1.78 19.25 15.48
CA VAL A 6 0.50 18.86 14.92
C VAL A 6 -0.41 18.45 16.06
N SER A 7 -1.51 19.18 16.24
CA SER A 7 -2.43 18.89 17.34
C SER A 7 -3.75 18.24 16.92
N PHE A 8 -4.25 17.37 17.79
CA PHE A 8 -5.51 16.66 17.57
C PHE A 8 -6.32 16.69 18.87
N ASN A 9 -7.44 17.39 18.86
CA ASN A 9 -8.28 17.50 20.04
C ASN A 9 -9.40 16.48 20.07
N LEU A 10 -9.30 15.52 20.99
CA LEU A 10 -10.31 14.47 21.14
C LEU A 10 -11.69 15.06 21.41
N ALA A 11 -11.71 16.30 21.89
CA ALA A 11 -12.95 16.99 22.19
C ALA A 11 -13.92 16.97 21.01
N GLY A 12 -14.83 16.00 21.02
CA GLY A 12 -15.81 15.89 19.95
C GLY A 12 -15.19 15.96 18.57
N ALA A 13 -14.11 15.22 18.36
CA ALA A 13 -13.42 15.21 17.08
C ALA A 13 -14.04 14.16 16.15
N LYS A 14 -14.19 14.52 14.88
CA LYS A 14 -14.78 13.63 13.89
C LYS A 14 -13.69 12.80 13.21
N SER A 15 -14.10 11.85 12.38
CA SER A 15 -13.16 10.99 11.68
C SER A 15 -12.37 11.78 10.63
N THR A 16 -13.05 12.72 9.97
CA THR A 16 -12.41 13.56 8.96
C THR A 16 -11.36 14.45 9.60
N THR A 17 -11.43 14.62 10.91
CA THR A 17 -10.47 15.44 11.63
C THR A 17 -9.22 14.61 11.87
N TYR A 18 -9.40 13.29 11.95
CA TYR A 18 -8.28 12.38 12.17
C TYR A 18 -7.46 12.26 10.89
N ARG A 19 -8.15 12.20 9.76
CA ARG A 19 -7.48 12.08 8.47
C ARG A 19 -6.58 13.29 8.22
N ASP A 20 -7.04 14.46 8.60
CA ASP A 20 -6.27 15.69 8.41
C ASP A 20 -5.12 15.77 9.42
N PHE A 21 -5.41 15.41 10.66
CA PHE A 21 -4.39 15.44 11.72
C PHE A 21 -3.19 14.59 11.32
N LEU A 22 -3.44 13.46 10.67
CA LEU A 22 -2.38 12.57 10.24
C LEU A 22 -1.64 13.17 9.04
N LYS A 23 -2.40 13.76 8.13
CA LYS A 23 -1.84 14.36 6.93
C LYS A 23 -0.85 15.47 7.30
N ASN A 24 -1.12 16.15 8.41
CA ASN A 24 -0.27 17.22 8.88
C ASN A 24 1.01 16.65 9.48
N LEU A 25 0.86 15.65 10.34
CA LEU A 25 1.99 15.00 10.99
C LEU A 25 2.84 14.30 9.94
N ARG A 26 2.22 13.98 8.81
CA ARG A 26 2.91 13.30 7.72
C ARG A 26 3.76 14.30 6.94
N ASP A 27 3.11 15.34 6.43
CA ASP A 27 3.81 16.36 5.66
C ASP A 27 4.92 17.05 6.44
N ARG A 28 4.82 17.01 7.78
CA ARG A 28 5.82 17.63 8.62
C ARG A 28 7.13 16.86 8.56
N VAL A 29 7.07 15.65 8.01
CA VAL A 29 8.25 14.79 7.90
C VAL A 29 8.39 14.27 6.47
N ALA A 30 7.40 14.56 5.63
CA ALA A 30 7.42 14.13 4.24
C ALA A 30 8.28 15.08 3.40
N THR A 31 8.66 16.20 3.98
CA THR A 31 9.48 17.19 3.28
C THR A 31 10.85 16.59 2.96
N GLY A 32 11.09 16.32 1.68
CA GLY A 32 12.36 15.75 1.27
C GLY A 32 12.43 15.54 -0.23
N THR A 33 13.64 15.30 -0.73
CA THR A 33 13.84 15.08 -2.17
C THR A 33 14.16 13.62 -2.45
N TYR A 34 13.19 12.75 -2.22
CA TYR A 34 13.38 11.32 -2.44
C TYR A 34 12.04 10.59 -2.39
N GLU A 35 11.59 10.12 -3.54
CA GLU A 35 10.31 9.42 -3.62
C GLU A 35 10.45 8.05 -4.26
N VAL A 36 9.38 7.27 -4.23
CA VAL A 36 9.37 5.92 -4.80
C VAL A 36 7.94 5.46 -5.02
N ASN A 37 7.47 5.54 -6.27
CA ASN A 37 6.12 5.13 -6.62
C ASN A 37 5.10 6.03 -5.95
N GLY A 38 5.57 7.12 -5.36
CA GLY A 38 4.67 8.04 -4.68
C GLY A 38 5.05 8.24 -3.22
N LEU A 39 5.18 7.13 -2.49
CA LEU A 39 5.54 7.19 -1.08
C LEU A 39 6.94 7.78 -0.91
N PRO A 40 7.09 8.71 0.05
CA PRO A 40 8.38 9.35 0.31
C PRO A 40 9.29 8.53 1.22
N VAL A 41 10.58 8.86 1.19
CA VAL A 41 11.58 8.18 2.01
C VAL A 41 12.16 9.15 3.03
N LEU A 42 11.61 9.14 4.24
CA LEU A 42 12.07 10.01 5.31
C LEU A 42 13.58 10.22 5.30
N ARG A 43 14.01 11.45 5.54
CA ARG A 43 15.43 11.78 5.57
C ARG A 43 16.14 11.03 6.69
N ARG A 44 17.48 11.05 6.64
CA ARG A 44 18.28 10.37 7.65
C ARG A 44 18.99 11.38 8.55
N GLU A 45 19.52 10.89 9.66
CA GLU A 45 20.22 11.74 10.61
C GLU A 45 21.40 12.43 9.95
N SER A 46 22.04 11.72 9.02
CA SER A 46 23.20 12.24 8.31
C SER A 46 22.92 13.57 7.61
N GLU A 47 21.65 13.83 7.31
CA GLU A 47 21.28 15.08 6.65
C GLU A 47 20.04 15.74 7.26
N VAL A 48 19.95 15.70 8.59
CA VAL A 48 18.83 16.32 9.30
C VAL A 48 19.32 17.36 10.30
N GLN A 49 18.88 18.60 10.12
CA GLN A 49 19.29 19.68 11.02
C GLN A 49 18.75 19.47 12.42
N VAL A 50 19.48 20.01 13.40
CA VAL A 50 19.07 19.89 14.80
C VAL A 50 17.85 20.76 15.08
N LYS A 51 17.47 21.55 14.08
CA LYS A 51 16.31 22.44 14.22
C LYS A 51 15.14 21.93 13.39
N ASN A 52 15.31 20.75 12.80
CA ASN A 52 14.28 20.13 11.98
C ASN A 52 14.19 18.64 12.26
N ARG A 53 15.05 18.16 13.15
CA ARG A 53 15.07 16.75 13.51
C ARG A 53 13.76 16.22 14.07
N PHE A 54 13.16 16.96 15.01
CA PHE A 54 11.92 16.53 15.64
C PHE A 54 10.66 17.30 15.27
N VAL A 55 9.53 16.75 15.71
CA VAL A 55 8.22 17.34 15.46
C VAL A 55 7.30 16.97 16.64
N LEU A 56 6.61 17.96 17.19
CA LEU A 56 5.71 17.73 18.32
C LEU A 56 4.28 17.39 17.92
N VAL A 57 3.58 16.68 18.78
CA VAL A 57 2.19 16.29 18.55
C VAL A 57 1.37 16.54 19.81
N ARG A 58 0.42 17.47 19.72
CA ARG A 58 -0.42 17.81 20.86
C ARG A 58 -1.76 17.07 20.85
N LEU A 59 -1.87 16.05 21.69
CA LEU A 59 -3.08 15.26 21.79
C LEU A 59 -3.87 15.64 23.04
N THR A 60 -5.02 16.27 22.84
CA THR A 60 -5.86 16.70 23.95
C THR A 60 -7.04 15.76 24.18
N ASN A 61 -7.13 15.19 25.37
CA ASN A 61 -8.21 14.26 25.70
C ASN A 61 -9.50 15.01 26.01
N TYR A 62 -10.58 14.25 26.24
CA TYR A 62 -11.88 14.81 26.52
C TYR A 62 -11.89 15.85 27.65
N ASN A 63 -11.13 15.59 28.69
CA ASN A 63 -11.07 16.50 29.83
C ASN A 63 -10.24 17.76 29.57
N GLY A 64 -9.92 18.02 28.31
CA GLY A 64 -9.16 19.22 27.97
C GLY A 64 -7.65 19.07 28.13
N ASP A 65 -7.21 18.17 29.00
CA ASP A 65 -5.78 17.96 29.20
C ASP A 65 -5.11 17.66 27.87
N THR A 66 -3.91 18.20 27.67
CA THR A 66 -3.18 18.00 26.43
C THR A 66 -1.75 17.50 26.66
N VAL A 67 -1.37 16.45 25.92
CA VAL A 67 -0.03 15.88 26.05
C VAL A 67 0.68 16.00 24.71
N THR A 68 1.91 16.49 24.71
CA THR A 68 2.68 16.63 23.48
C THR A 68 3.86 15.68 23.41
N SER A 69 3.98 14.98 22.29
CA SER A 69 5.06 14.02 22.08
C SER A 69 5.92 14.39 20.87
N ALA A 70 7.21 14.11 20.96
CA ALA A 70 8.14 14.40 19.88
C ALA A 70 8.36 13.17 19.01
N VAL A 71 8.12 13.31 17.72
CA VAL A 71 8.29 12.21 16.77
C VAL A 71 9.46 12.48 15.85
N ASP A 72 10.46 11.61 15.89
CA ASP A 72 11.65 11.74 15.05
C ASP A 72 11.25 11.88 13.59
N VAL A 73 11.77 12.90 12.92
CA VAL A 73 11.46 13.14 11.52
C VAL A 73 12.17 12.14 10.61
N THR A 74 13.07 11.36 11.20
CA THR A 74 13.81 10.36 10.44
C THR A 74 13.11 9.01 10.40
N ASN A 75 12.77 8.47 11.57
CA ASN A 75 12.10 7.16 11.64
C ASN A 75 10.66 7.24 12.14
N LEU A 76 10.20 8.43 12.47
CA LEU A 76 8.85 8.63 12.96
C LEU A 76 8.61 7.85 14.26
N TYR A 77 9.63 7.85 15.12
CA TYR A 77 9.54 7.15 16.39
C TYR A 77 9.19 8.15 17.48
N LEU A 78 8.68 7.64 18.60
CA LEU A 78 8.33 8.49 19.73
C LEU A 78 9.52 8.53 20.66
N VAL A 79 10.15 9.69 20.76
CA VAL A 79 11.31 9.85 21.62
C VAL A 79 10.95 10.27 23.04
N ALA A 80 9.98 11.16 23.17
CA ALA A 80 9.56 11.64 24.48
C ALA A 80 8.22 12.38 24.43
N PHE A 81 7.69 12.69 25.61
CA PHE A 81 6.42 13.40 25.71
C PHE A 81 6.45 14.32 26.94
N SER A 82 5.53 15.29 26.99
CA SER A 82 5.48 16.22 28.10
C SER A 82 4.05 16.56 28.50
N ALA A 83 3.80 16.63 29.81
CA ALA A 83 2.49 16.96 30.34
C ALA A 83 2.63 17.71 31.66
N ASN A 84 2.09 18.93 31.72
CA ASN A 84 2.17 19.75 32.93
C ASN A 84 3.61 20.04 33.31
N GLY A 85 4.36 20.64 32.39
CA GLY A 85 5.75 20.96 32.67
C GLY A 85 6.55 19.75 33.09
N ASN A 86 6.14 18.57 32.62
CA ASN A 86 6.83 17.34 32.96
C ASN A 86 7.15 16.52 31.71
N SER A 87 8.41 16.49 31.33
CA SER A 87 8.86 15.75 30.17
C SER A 87 9.47 14.42 30.59
N TYR A 88 9.31 13.40 29.75
CA TYR A 88 9.84 12.07 30.04
C TYR A 88 10.61 11.50 28.85
N PHE A 89 11.82 11.01 29.11
CA PHE A 89 12.67 10.42 28.08
C PHE A 89 13.01 8.98 28.42
N PHE A 90 13.19 8.14 27.40
CA PHE A 90 13.50 6.74 27.61
C PHE A 90 14.91 6.52 28.16
N LYS A 91 15.22 5.27 28.48
CA LYS A 91 16.52 4.91 29.03
C LYS A 91 17.68 5.40 28.16
N ASP A 92 17.69 4.96 26.90
CA ASP A 92 18.75 5.36 25.98
C ASP A 92 18.65 6.85 25.64
N ALA A 93 17.51 7.25 25.09
CA ALA A 93 17.26 8.63 24.72
C ALA A 93 18.54 9.39 24.36
N THR A 94 18.92 9.33 23.08
CA THR A 94 20.11 10.01 22.60
C THR A 94 20.14 11.44 23.16
N GLU A 95 21.22 11.79 23.86
CA GLU A 95 21.36 13.11 24.45
C GLU A 95 21.09 14.26 23.47
N LEU A 96 21.02 13.94 22.19
CA LEU A 96 20.77 14.97 21.17
C LEU A 96 19.37 15.55 21.26
N GLN A 97 18.41 14.75 21.73
CA GLN A 97 17.04 15.23 21.84
C GLN A 97 16.84 16.06 23.11
N LYS A 98 17.19 15.49 24.25
CA LYS A 98 17.05 16.17 25.54
C LYS A 98 17.60 17.60 25.47
N SER A 99 18.76 17.75 24.84
CA SER A 99 19.40 19.05 24.71
C SER A 99 18.49 20.12 24.12
N ASN A 100 17.49 19.68 23.35
CA ASN A 100 16.56 20.62 22.73
C ASN A 100 15.14 20.08 22.64
N LEU A 101 14.81 19.16 23.52
CA LEU A 101 13.47 18.57 23.55
C LEU A 101 12.76 18.98 24.84
N PHE A 102 11.77 19.86 24.71
CA PHE A 102 11.01 20.34 25.87
C PHE A 102 11.93 21.12 26.81
N LEU A 103 12.88 21.86 26.23
CA LEU A 103 13.82 22.65 27.02
C LEU A 103 13.07 23.67 27.86
N GLY A 104 13.03 23.42 29.17
CA GLY A 104 12.34 24.32 30.08
C GLY A 104 11.31 23.60 30.91
N THR A 105 11.46 22.28 31.02
CA THR A 105 10.53 21.46 31.79
C THR A 105 11.28 20.43 32.62
N THR A 106 10.69 20.05 33.75
CA THR A 106 11.30 19.06 34.63
C THR A 106 11.54 17.75 33.87
N GLN A 107 12.80 17.45 33.60
CA GLN A 107 13.16 16.25 32.86
C GLN A 107 12.96 14.96 33.67
N HIS A 108 12.70 13.87 32.95
CA HIS A 108 12.50 12.57 33.56
C HIS A 108 13.09 11.48 32.68
N THR A 109 13.32 10.30 33.26
CA THR A 109 13.89 9.18 32.53
C THR A 109 13.23 7.87 32.95
N LEU A 110 12.61 7.20 31.99
CA LEU A 110 11.94 5.93 32.26
C LEU A 110 12.95 4.79 32.36
N SER A 111 12.56 3.70 33.01
CA SER A 111 13.43 2.56 33.18
C SER A 111 13.48 1.69 31.93
N PHE A 112 12.61 1.98 30.97
CA PHE A 112 12.55 1.23 29.72
C PHE A 112 12.85 2.11 28.51
N THR A 113 12.80 1.54 27.32
CA THR A 113 13.09 2.29 26.09
C THR A 113 11.96 2.21 25.06
N GLY A 114 12.07 3.04 24.03
CA GLY A 114 11.06 3.08 22.98
C GLY A 114 11.15 1.97 21.94
N ASN A 115 10.26 0.99 22.08
CA ASN A 115 10.20 -0.15 21.16
C ASN A 115 9.28 -1.23 21.74
N TYR A 116 8.34 -1.71 20.94
CA TYR A 116 7.39 -2.73 21.37
C TYR A 116 8.01 -3.84 22.21
N ASP A 117 9.12 -4.40 21.73
CA ASP A 117 9.79 -5.47 22.46
C ASP A 117 10.02 -5.11 23.92
N ASN A 118 10.30 -3.83 24.17
CA ASN A 118 10.55 -3.33 25.52
C ASN A 118 9.26 -2.86 26.18
N LEU A 119 8.53 -1.98 25.49
CA LEU A 119 7.28 -1.44 26.00
C LEU A 119 6.36 -2.52 26.55
N GLU A 120 6.07 -3.52 25.72
CA GLU A 120 5.20 -4.62 26.11
C GLU A 120 5.71 -5.30 27.39
N THR A 121 7.03 -5.31 27.55
CA THR A 121 7.65 -5.92 28.71
C THR A 121 7.41 -5.09 29.98
N ALA A 122 7.61 -3.78 29.86
CA ALA A 122 7.43 -2.87 30.99
C ALA A 122 5.95 -2.55 31.23
N ALA A 123 5.09 -3.52 30.94
CA ALA A 123 3.65 -3.35 31.13
C ALA A 123 2.99 -4.70 31.39
N GLY A 124 3.78 -5.76 31.35
CA GLY A 124 3.25 -7.09 31.59
C GLY A 124 2.09 -7.38 30.66
N THR A 125 2.13 -6.80 29.46
CA THR A 125 1.07 -6.99 28.48
C THR A 125 1.58 -6.80 27.05
N ARG A 126 0.93 -7.48 26.11
CA ARG A 126 1.31 -7.39 24.70
C ARG A 126 0.30 -6.53 23.95
N ARG A 127 0.73 -5.96 22.83
CA ARG A 127 -0.14 -5.12 22.03
C ARG A 127 -1.44 -5.82 21.62
N GLU A 128 -1.38 -7.14 21.49
CA GLU A 128 -2.56 -7.91 21.11
C GLU A 128 -3.65 -7.83 22.17
N SER A 129 -3.31 -7.27 23.33
CA SER A 129 -4.26 -7.13 24.43
C SER A 129 -4.70 -5.68 24.59
N ILE A 130 -3.75 -4.76 24.51
CA ILE A 130 -4.05 -3.33 24.65
C ILE A 130 -5.04 -2.88 23.58
N GLU A 131 -6.12 -2.25 24.00
CA GLU A 131 -7.14 -1.78 23.06
C GLU A 131 -6.85 -0.37 22.59
N LEU A 132 -7.42 0.00 21.45
CA LEU A 132 -7.24 1.33 20.88
C LEU A 132 -8.59 1.94 20.51
N GLY A 133 -8.60 3.24 20.30
CA GLY A 133 -9.84 3.91 19.94
C GLY A 133 -10.01 5.23 20.68
N PRO A 134 -11.15 5.90 20.54
CA PRO A 134 -11.42 7.17 21.21
C PRO A 134 -11.17 7.14 22.72
N ASN A 135 -11.95 6.33 23.43
CA ASN A 135 -11.83 6.22 24.88
C ASN A 135 -10.45 5.73 25.31
N PRO A 136 -9.97 4.62 24.75
CA PRO A 136 -8.66 4.10 25.12
C PRO A 136 -7.58 5.18 24.97
N LEU A 137 -7.76 6.03 23.97
CA LEU A 137 -6.82 7.11 23.70
C LEU A 137 -6.91 8.17 24.79
N ASP A 138 -8.13 8.42 25.25
CA ASP A 138 -8.36 9.40 26.31
C ASP A 138 -7.73 8.90 27.61
N GLY A 139 -8.08 7.69 28.00
CA GLY A 139 -7.54 7.11 29.21
C GLY A 139 -6.03 7.01 29.17
N ALA A 140 -5.50 6.70 27.99
CA ALA A 140 -4.05 6.59 27.81
C ALA A 140 -3.42 7.96 27.98
N ILE A 141 -4.12 8.99 27.50
CA ILE A 141 -3.63 10.36 27.58
C ILE A 141 -3.62 10.80 29.04
N THR A 142 -4.69 10.46 29.76
CA THR A 142 -4.81 10.82 31.17
C THR A 142 -3.74 10.12 32.01
N SER A 143 -3.56 8.83 31.74
CA SER A 143 -2.57 8.04 32.47
C SER A 143 -1.18 8.64 32.38
N LEU A 144 -0.91 9.38 31.31
CA LEU A 144 0.39 10.00 31.13
C LEU A 144 0.48 11.30 31.93
N TRP A 145 -0.47 12.20 31.67
CA TRP A 145 -0.52 13.49 32.35
C TRP A 145 -0.67 13.32 33.85
N TYR A 146 -1.37 12.27 34.27
CA TYR A 146 -1.61 12.03 35.69
C TYR A 146 -0.60 11.09 36.36
N ASP A 147 -0.43 9.90 35.79
CA ASP A 147 0.48 8.92 36.37
C ASP A 147 1.90 9.01 35.83
N GLY A 148 2.25 10.18 35.30
CA GLY A 148 3.59 10.37 34.77
C GLY A 148 3.80 9.81 33.38
N GLY A 149 3.49 8.52 33.21
CA GLY A 149 3.65 7.89 31.91
C GLY A 149 4.25 6.50 32.00
N VAL A 150 3.45 5.50 31.66
CA VAL A 150 3.90 4.11 31.68
C VAL A 150 3.61 3.42 30.34
N ALA A 151 4.44 2.45 29.99
CA ALA A 151 4.32 1.70 28.74
C ALA A 151 2.92 1.68 28.14
N ARG A 152 2.05 0.82 28.68
CA ARG A 152 0.68 0.67 28.20
C ARG A 152 0.16 1.91 27.47
N SER A 153 -0.04 2.98 28.23
CA SER A 153 -0.54 4.25 27.68
C SER A 153 0.17 4.61 26.37
N LEU A 154 1.49 4.56 26.38
CA LEU A 154 2.27 4.88 25.19
C LEU A 154 1.97 3.94 24.03
N LEU A 155 1.78 2.66 24.35
CA LEU A 155 1.49 1.65 23.33
C LEU A 155 0.24 1.99 22.53
N VAL A 156 -0.65 2.80 23.12
CA VAL A 156 -1.87 3.20 22.46
C VAL A 156 -1.64 4.34 21.48
N LEU A 157 -0.92 5.36 21.93
CA LEU A 157 -0.64 6.53 21.10
C LEU A 157 0.27 6.19 19.91
N ILE A 158 1.25 5.33 20.14
CA ILE A 158 2.18 4.93 19.10
C ILE A 158 1.48 4.32 17.89
N GLN A 159 0.56 3.40 18.14
CA GLN A 159 -0.17 2.76 17.05
C GLN A 159 -1.35 3.62 16.62
N MET A 160 -1.65 4.66 17.39
CA MET A 160 -2.78 5.53 17.09
C MET A 160 -2.37 6.87 16.48
N VAL A 161 -1.07 7.09 16.33
CA VAL A 161 -0.59 8.35 15.75
C VAL A 161 0.55 8.17 14.75
N PRO A 162 1.75 7.80 15.22
CA PRO A 162 2.83 7.65 14.23
C PRO A 162 2.56 6.46 13.31
N GLU A 163 2.33 5.30 13.91
CA GLU A 163 2.04 4.09 13.15
C GLU A 163 0.73 4.22 12.38
N ALA A 164 -0.01 5.28 12.68
CA ALA A 164 -1.29 5.52 12.02
C ALA A 164 -1.07 6.27 10.71
N ALA A 165 0.04 7.00 10.63
CA ALA A 165 0.37 7.77 9.43
C ALA A 165 1.25 6.93 8.51
N ARG A 166 1.99 6.00 9.10
CA ARG A 166 2.87 5.14 8.33
C ARG A 166 2.05 4.17 7.50
N PHE A 167 1.01 3.60 8.11
CA PHE A 167 0.13 2.66 7.43
C PHE A 167 -1.30 3.18 7.44
N ARG A 168 -1.83 3.49 6.26
CA ARG A 168 -3.18 4.00 6.13
C ARG A 168 -4.23 2.98 6.61
N TYR A 169 -3.84 1.72 6.67
CA TYR A 169 -4.74 0.67 7.11
C TYR A 169 -5.14 0.91 8.57
N ILE A 170 -4.16 1.16 9.41
CA ILE A 170 -4.41 1.41 10.82
C ILE A 170 -5.26 2.66 10.96
N GLU A 171 -5.10 3.58 10.00
CA GLU A 171 -5.86 4.82 10.02
C GLU A 171 -7.35 4.54 9.92
N GLN A 172 -7.78 3.95 8.81
CA GLN A 172 -9.18 3.64 8.59
C GLN A 172 -9.72 2.74 9.70
N GLU A 173 -8.81 2.13 10.45
CA GLU A 173 -9.20 1.26 11.55
C GLU A 173 -9.58 2.10 12.77
N VAL A 174 -8.78 3.13 13.03
CA VAL A 174 -9.03 4.02 14.15
C VAL A 174 -10.04 5.07 13.71
N ARG A 175 -10.26 5.15 12.40
CA ARG A 175 -11.20 6.10 11.83
C ARG A 175 -12.62 5.58 12.00
N ARG A 176 -12.76 4.26 12.04
CA ARG A 176 -14.06 3.62 12.21
C ARG A 176 -14.43 3.64 13.70
N SER A 177 -13.42 3.58 14.55
CA SER A 177 -13.63 3.59 16.00
C SER A 177 -13.91 5.01 16.47
N LEU A 178 -13.15 5.96 15.94
CA LEU A 178 -13.33 7.36 16.31
C LEU A 178 -14.73 7.84 15.98
N GLN A 179 -15.24 7.41 14.84
CA GLN A 179 -16.57 7.80 14.40
C GLN A 179 -17.67 7.01 15.10
N GLN A 180 -17.49 5.69 15.17
CA GLN A 180 -18.47 4.81 15.81
C GLN A 180 -18.29 4.75 17.32
N LEU A 181 -17.40 5.59 17.85
CA LEU A 181 -17.15 5.63 19.29
C LEU A 181 -16.91 4.23 19.85
N THR A 182 -16.33 3.36 19.03
CA THR A 182 -16.06 1.98 19.44
C THR A 182 -14.56 1.75 19.64
N SER A 183 -14.21 0.57 20.13
CA SER A 183 -12.82 0.22 20.35
C SER A 183 -12.49 -1.13 19.72
N PHE A 184 -11.20 -1.47 19.69
CA PHE A 184 -10.75 -2.74 19.12
C PHE A 184 -9.32 -3.04 19.50
N THR A 185 -8.84 -4.21 19.11
CA THR A 185 -7.47 -4.62 19.42
C THR A 185 -6.76 -5.05 18.13
N PRO A 186 -5.47 -4.71 18.01
CA PRO A 186 -4.68 -5.06 16.83
C PRO A 186 -4.82 -6.54 16.46
N ASN A 187 -5.11 -6.81 15.20
CA ASN A 187 -5.25 -8.19 14.73
C ASN A 187 -3.92 -8.69 14.20
N ALA A 188 -3.87 -9.97 13.85
CA ALA A 188 -2.66 -10.59 13.33
C ALA A 188 -2.09 -9.77 12.17
N LEU A 189 -2.97 -9.25 11.32
CA LEU A 189 -2.53 -8.46 10.17
C LEU A 189 -1.95 -7.13 10.62
N MET A 190 -2.81 -6.26 11.16
CA MET A 190 -2.40 -4.94 11.63
C MET A 190 -1.09 -5.01 12.40
N LEU A 191 -0.94 -6.04 13.21
CA LEU A 191 0.27 -6.21 14.02
C LEU A 191 1.48 -6.50 13.13
N SER A 192 1.37 -7.54 12.31
CA SER A 192 2.45 -7.94 11.44
C SER A 192 2.91 -6.83 10.49
N MET A 193 1.94 -6.13 9.91
CA MET A 193 2.23 -5.05 8.98
C MET A 193 3.01 -3.92 9.62
N GLU A 194 2.92 -3.80 10.94
CA GLU A 194 3.61 -2.75 11.66
C GLU A 194 4.89 -3.28 12.31
N ASN A 195 5.17 -4.56 12.09
CA ASN A 195 6.36 -5.18 12.66
C ASN A 195 7.42 -5.36 11.58
N ASN A 196 7.06 -5.04 10.34
CA ASN A 196 7.99 -5.15 9.21
C ASN A 196 8.10 -3.84 8.43
N TRP A 197 8.02 -2.72 9.14
CA TRP A 197 8.12 -1.42 8.47
C TRP A 197 9.48 -1.28 7.79
N SER A 198 10.52 -1.70 8.49
CA SER A 198 11.88 -1.63 7.97
C SER A 198 12.08 -2.60 6.81
N SER A 199 11.62 -3.83 6.99
CA SER A 199 11.74 -4.85 5.94
C SER A 199 11.05 -4.39 4.66
N MET A 200 9.76 -4.09 4.77
CA MET A 200 8.99 -3.66 3.62
C MET A 200 9.49 -2.32 3.09
N SER A 201 10.39 -1.69 3.85
CA SER A 201 10.95 -0.41 3.45
C SER A 201 12.08 -0.57 2.44
N LEU A 202 12.84 -1.64 2.57
CA LEU A 202 13.95 -1.91 1.67
C LEU A 202 13.48 -2.62 0.41
N GLU A 203 12.37 -3.35 0.52
CA GLU A 203 11.83 -4.08 -0.62
C GLU A 203 11.24 -3.13 -1.65
N VAL A 204 10.98 -1.89 -1.22
CA VAL A 204 10.41 -0.88 -2.10
C VAL A 204 11.54 -0.07 -2.74
N GLN A 205 12.58 0.20 -1.97
CA GLN A 205 13.72 0.97 -2.46
C GLN A 205 14.67 0.07 -3.24
N LEU A 206 14.64 -1.23 -2.94
CA LEU A 206 15.49 -2.19 -3.62
C LEU A 206 14.99 -2.42 -5.04
N SER A 207 13.71 -2.75 -5.15
CA SER A 207 13.09 -2.98 -6.45
C SER A 207 13.20 -1.73 -7.29
N GLY A 208 13.18 -0.57 -6.63
CA GLY A 208 13.27 0.69 -7.34
C GLY A 208 11.91 1.25 -7.70
N ASP A 209 11.90 2.50 -8.14
CA ASP A 209 10.65 3.14 -8.52
C ASP A 209 10.05 2.48 -9.76
N ASN A 210 8.72 2.48 -9.82
CA ASN A 210 7.99 1.90 -10.94
C ASN A 210 8.06 0.37 -11.02
N VAL A 211 9.05 -0.21 -10.36
CA VAL A 211 9.19 -1.67 -10.36
C VAL A 211 8.24 -2.33 -9.37
N SER A 212 7.29 -3.09 -9.89
CA SER A 212 6.32 -3.78 -9.06
C SER A 212 6.88 -4.95 -8.25
N PRO A 213 7.57 -5.89 -8.91
CA PRO A 213 8.13 -7.05 -8.22
C PRO A 213 9.14 -6.71 -7.11
N PHE A 214 9.27 -7.60 -6.15
CA PHE A 214 10.20 -7.42 -5.04
C PHE A 214 11.24 -8.54 -5.06
N SER A 215 12.50 -8.19 -4.83
CA SER A 215 13.57 -9.18 -4.82
C SER A 215 13.26 -10.22 -3.74
N GLY A 216 12.90 -9.72 -2.56
CA GLY A 216 12.57 -10.61 -1.45
C GLY A 216 11.09 -10.59 -1.16
N THR A 217 10.72 -11.02 0.04
CA THR A 217 9.31 -11.04 0.44
C THR A 217 9.11 -10.52 1.85
N VAL A 218 7.86 -10.24 2.19
CA VAL A 218 7.51 -9.73 3.51
C VAL A 218 6.55 -10.71 4.18
N GLN A 219 6.97 -11.30 5.29
CA GLN A 219 6.15 -12.26 6.02
C GLN A 219 5.01 -11.60 6.79
N LEU A 220 3.96 -11.20 6.07
CA LEU A 220 2.81 -10.58 6.70
C LEU A 220 1.89 -11.69 7.23
N GLN A 221 0.77 -11.32 7.84
CA GLN A 221 -0.15 -12.31 8.37
C GLN A 221 -1.62 -11.92 8.21
N ASN A 222 -2.47 -12.93 8.06
CA ASN A 222 -3.90 -12.70 7.90
C ASN A 222 -4.56 -12.73 9.28
N TYR A 223 -5.86 -12.46 9.32
CA TYR A 223 -6.59 -12.46 10.57
C TYR A 223 -6.53 -13.82 11.26
N ASP A 224 -6.45 -14.89 10.46
CA ASP A 224 -6.39 -16.24 11.00
C ASP A 224 -4.95 -16.67 11.27
N HIS A 225 -4.06 -15.70 11.36
CA HIS A 225 -2.65 -15.94 11.63
C HIS A 225 -1.95 -16.71 10.50
N THR A 226 -2.65 -16.84 9.38
CA THR A 226 -2.10 -17.54 8.22
C THR A 226 -1.08 -16.67 7.49
N PRO A 227 0.08 -17.25 7.11
CA PRO A 227 1.14 -16.51 6.42
C PRO A 227 0.73 -15.93 5.07
N ARG A 228 1.00 -14.64 4.89
CA ARG A 228 0.68 -13.94 3.65
C ARG A 228 1.93 -13.20 3.16
N LEU A 229 2.76 -13.89 2.40
CA LEU A 229 3.98 -13.29 1.89
C LEU A 229 3.73 -12.39 0.69
N VAL A 230 3.94 -11.10 0.89
CA VAL A 230 3.74 -10.12 -0.17
C VAL A 230 5.07 -9.97 -0.91
N ASP A 231 5.04 -10.02 -2.23
CA ASP A 231 6.26 -9.91 -3.02
C ASP A 231 6.17 -8.83 -4.07
N ASN A 232 5.12 -8.01 -4.02
CA ASN A 232 4.95 -6.93 -4.98
C ASN A 232 4.38 -5.67 -4.34
N PHE A 233 4.75 -4.53 -4.89
CA PHE A 233 4.31 -3.23 -4.39
C PHE A 233 2.79 -3.15 -4.27
N GLU A 234 2.10 -3.24 -5.41
CA GLU A 234 0.64 -3.16 -5.42
C GLU A 234 0.01 -4.02 -4.33
N GLU A 235 0.28 -5.32 -4.36
CA GLU A 235 -0.29 -6.23 -3.37
C GLU A 235 0.01 -5.76 -1.94
N LEU A 236 1.12 -5.06 -1.77
CA LEU A 236 1.49 -4.55 -0.45
C LEU A 236 0.62 -3.37 -0.02
N TYR A 237 0.56 -2.34 -0.86
CA TYR A 237 -0.23 -1.15 -0.59
C TYR A 237 -1.72 -1.46 -0.44
N LYS A 238 -2.24 -2.29 -1.34
CA LYS A 238 -3.65 -2.65 -1.30
C LYS A 238 -4.06 -3.22 0.07
N ILE A 239 -3.11 -3.86 0.74
CA ILE A 239 -3.36 -4.45 2.05
C ILE A 239 -3.02 -3.50 3.19
N THR A 240 -1.73 -3.18 3.31
CA THR A 240 -1.24 -2.29 4.36
C THR A 240 -1.58 -0.83 4.09
N GLY A 241 -1.39 -0.39 2.85
CA GLY A 241 -1.67 0.99 2.50
C GLY A 241 -0.58 1.92 2.99
N ILE A 242 0.66 1.43 2.98
CA ILE A 242 1.79 2.22 3.42
C ILE A 242 1.79 3.63 2.80
N ALA A 243 2.25 4.61 3.58
CA ALA A 243 2.30 5.99 3.10
C ALA A 243 3.64 6.64 3.45
N ILE A 244 4.46 5.92 4.22
CA ILE A 244 5.76 6.43 4.62
C ILE A 244 6.81 5.31 4.51
N LEU A 245 7.99 5.67 4.01
CA LEU A 245 9.08 4.70 3.84
C LEU A 245 10.33 5.07 4.61
N LEU A 246 10.82 4.14 5.42
CA LEU A 246 12.02 4.37 6.22
C LEU A 246 13.27 4.11 5.38
N PHE A 247 14.09 5.14 5.20
CA PHE A 247 15.30 5.00 4.40
C PHE A 247 16.14 3.80 4.82
N ARG A 248 16.23 2.82 3.92
CA ARG A 248 17.02 1.62 4.16
C ARG A 248 18.12 1.54 3.11
N CYS A 249 17.97 2.32 2.04
CA CYS A 249 18.93 2.33 0.96
C CYS A 249 18.53 3.31 -0.14
N VAL A 250 19.48 3.65 -1.02
CA VAL A 250 19.23 4.55 -2.13
C VAL A 250 19.17 3.77 -3.44
N ALA A 251 18.41 4.28 -4.41
CA ALA A 251 18.26 3.63 -5.69
C ALA A 251 19.61 3.31 -6.33
N THR A 252 19.61 2.39 -7.30
CA THR A 252 20.83 2.01 -7.99
C THR A 252 20.67 2.09 -9.50
N LYS A 253 19.44 1.89 -9.97
CA LYS A 253 19.16 1.93 -11.40
C LYS A 253 19.10 3.37 -11.90
N THR A 254 19.94 4.22 -11.33
CA THR A 254 20.01 5.63 -11.72
C THR A 254 20.27 5.77 -13.20
N GLY B 2 26.29 7.52 1.40
CA GLY B 2 25.04 6.70 1.40
C GLY B 2 25.33 5.21 1.27
N GLU B 3 24.44 4.49 0.59
CA GLU B 3 24.60 3.06 0.40
C GLU B 3 23.65 2.54 -0.68
N THR B 4 24.20 2.23 -1.85
CA THR B 4 23.40 1.71 -2.95
C THR B 4 22.73 0.41 -2.52
N CYS B 5 21.71 -0.01 -3.28
CA CYS B 5 20.99 -1.23 -2.96
C CYS B 5 21.65 -2.47 -3.54
N ALA B 6 21.74 -3.51 -2.71
CA ALA B 6 22.35 -4.77 -3.12
C ALA B 6 21.66 -5.32 -4.36
N ILE B 7 22.42 -5.46 -5.44
CA ILE B 7 21.90 -5.99 -6.70
C ILE B 7 21.03 -7.22 -6.43
N PRO B 8 19.71 -7.09 -6.63
CA PRO B 8 18.78 -8.20 -6.40
C PRO B 8 19.17 -9.49 -7.13
N ALA B 9 19.06 -10.61 -6.42
CA ALA B 9 19.40 -11.91 -6.98
C ALA B 9 18.21 -12.47 -7.77
N PRO B 10 18.45 -13.54 -8.55
CA PRO B 10 17.37 -14.14 -9.34
C PRO B 10 16.26 -14.76 -8.50
N PHE B 11 15.09 -14.12 -8.50
CA PHE B 11 13.94 -14.60 -7.75
C PHE B 11 12.89 -15.17 -8.69
N THR B 12 12.23 -16.24 -8.26
CA THR B 12 11.21 -16.89 -9.08
C THR B 12 9.80 -16.61 -8.59
N ARG B 13 8.93 -16.21 -9.51
CA ARG B 13 7.54 -15.90 -9.19
C ARG B 13 6.62 -16.28 -10.36
N ARG B 14 5.32 -16.14 -10.15
CA ARG B 14 4.33 -16.46 -11.19
C ARG B 14 3.80 -15.17 -11.81
N ILE B 15 3.08 -15.29 -12.92
CA ILE B 15 2.53 -14.11 -13.59
C ILE B 15 1.08 -14.30 -14.02
N VAL B 16 0.18 -13.53 -13.42
CA VAL B 16 -1.25 -13.60 -13.75
C VAL B 16 -1.68 -12.27 -14.36
N GLY B 17 -2.70 -12.29 -15.21
CA GLY B 17 -3.15 -11.05 -15.82
C GLY B 17 -4.34 -11.12 -16.75
N ARG B 18 -5.31 -11.96 -16.41
CA ARG B 18 -6.52 -12.10 -17.22
C ARG B 18 -7.41 -13.23 -16.72
N ASP B 19 -8.52 -12.86 -16.07
CA ASP B 19 -9.46 -13.83 -15.54
C ASP B 19 -8.84 -14.69 -14.45
N GLY B 20 -7.61 -14.37 -14.06
CA GLY B 20 -6.94 -15.13 -13.02
C GLY B 20 -6.10 -16.27 -13.58
N LEU B 21 -5.67 -16.11 -14.82
CA LEU B 21 -4.84 -17.13 -15.47
C LEU B 21 -3.38 -16.70 -15.50
N CYS B 22 -2.48 -17.65 -15.25
CA CYS B 22 -1.06 -17.36 -15.24
C CYS B 22 -0.44 -17.71 -16.60
N VAL B 23 0.54 -16.91 -17.00
CA VAL B 23 1.22 -17.13 -18.28
C VAL B 23 2.03 -18.42 -18.20
N ASP B 24 1.64 -19.41 -19.01
CA ASP B 24 2.32 -20.70 -19.02
C ASP B 24 2.96 -21.04 -20.36
N VAL B 25 3.99 -21.88 -20.31
CA VAL B 25 4.70 -22.30 -21.51
C VAL B 25 3.99 -23.49 -22.13
N ARG B 26 3.41 -23.29 -23.30
CA ARG B 26 2.66 -24.32 -24.01
C ARG B 26 3.26 -25.72 -23.88
N ASN B 27 2.42 -26.66 -23.43
CA ASN B 27 2.82 -28.05 -23.25
C ASN B 27 3.91 -28.28 -22.19
N GLY B 28 4.65 -27.23 -21.86
CA GLY B 28 5.70 -27.35 -20.87
C GLY B 28 7.04 -27.70 -21.49
N TYR B 29 7.09 -27.73 -22.82
CA TYR B 29 8.33 -28.05 -23.52
C TYR B 29 9.32 -26.90 -23.37
N ASP B 30 10.56 -27.25 -23.03
CA ASP B 30 11.61 -26.25 -22.85
C ASP B 30 12.33 -25.96 -24.17
N THR B 31 11.92 -26.65 -25.23
CA THR B 31 12.53 -26.45 -26.55
C THR B 31 12.36 -25.01 -26.99
N ASP B 32 13.31 -24.52 -27.77
CA ASP B 32 13.26 -23.16 -28.27
C ASP B 32 12.13 -22.99 -29.28
N GLY B 33 11.39 -21.90 -29.16
CA GLY B 33 10.29 -21.64 -30.08
C GLY B 33 8.91 -21.82 -29.49
N THR B 34 8.77 -22.72 -28.52
CA THR B 34 7.47 -22.96 -27.90
C THR B 34 6.81 -21.66 -27.48
N PRO B 35 5.63 -21.35 -28.07
CA PRO B 35 4.89 -20.13 -27.74
C PRO B 35 4.45 -20.04 -26.29
N ILE B 36 4.06 -18.83 -25.88
CA ILE B 36 3.61 -18.58 -24.51
C ILE B 36 2.14 -18.19 -24.55
N GLN B 37 1.36 -18.71 -23.61
CA GLN B 37 -0.07 -18.41 -23.57
C GLN B 37 -0.65 -18.47 -22.15
N LEU B 38 -1.97 -18.54 -22.06
CA LEU B 38 -2.67 -18.59 -20.77
C LEU B 38 -2.95 -20.03 -20.36
N TRP B 39 -3.06 -20.25 -19.05
CA TRP B 39 -3.34 -21.57 -18.52
C TRP B 39 -3.52 -21.53 -17.00
N PRO B 40 -4.56 -22.21 -16.48
CA PRO B 40 -4.83 -22.25 -15.05
C PRO B 40 -3.56 -22.39 -14.21
N CYS B 41 -3.39 -21.48 -13.25
CA CYS B 41 -2.20 -21.50 -12.40
C CYS B 41 -2.12 -22.77 -11.57
N GLY B 42 -0.90 -23.18 -11.26
CA GLY B 42 -0.69 -24.39 -10.47
C GLY B 42 0.78 -24.68 -10.26
N THR B 43 1.09 -25.85 -9.70
CA THR B 43 2.47 -26.25 -9.46
C THR B 43 3.09 -26.84 -10.72
N GLN B 44 3.88 -26.04 -11.43
CA GLN B 44 4.53 -26.49 -12.65
C GLN B 44 5.71 -25.60 -12.99
N ARG B 45 6.75 -26.19 -13.58
CA ARG B 45 7.95 -25.46 -13.97
C ARG B 45 7.70 -24.53 -15.16
N ASN B 46 6.72 -24.88 -15.98
CA ASN B 46 6.40 -24.09 -17.16
C ASN B 46 5.55 -22.87 -16.81
N GLN B 47 5.45 -22.55 -15.52
CA GLN B 47 4.66 -21.41 -15.08
C GLN B 47 5.47 -20.47 -14.19
N GLN B 48 6.56 -20.98 -13.63
CA GLN B 48 7.42 -20.18 -12.76
C GLN B 48 8.47 -19.47 -13.60
N TRP B 49 8.67 -18.18 -13.34
CA TRP B 49 9.65 -17.39 -14.09
C TRP B 49 10.64 -16.70 -13.18
N THR B 50 11.90 -16.68 -13.60
CA THR B 50 12.96 -16.05 -12.81
C THR B 50 13.30 -14.68 -13.40
N PHE B 51 13.52 -13.71 -12.52
CA PHE B 51 13.86 -12.35 -12.93
C PHE B 51 15.32 -12.04 -12.63
N TYR B 52 16.05 -11.60 -13.65
CA TYR B 52 17.47 -11.26 -13.48
C TYR B 52 17.69 -9.78 -13.73
N ASN B 53 18.88 -9.31 -13.38
CA ASN B 53 19.21 -7.89 -13.57
C ASN B 53 19.09 -7.47 -15.02
N ASP B 54 19.47 -8.35 -15.94
CA ASP B 54 19.41 -8.06 -17.37
C ASP B 54 17.97 -7.85 -17.84
N LYS B 55 17.03 -7.80 -16.90
CA LYS B 55 15.63 -7.60 -17.22
C LYS B 55 15.08 -8.74 -18.07
N THR B 56 15.69 -9.91 -17.97
CA THR B 56 15.24 -11.06 -18.73
C THR B 56 14.49 -12.07 -17.87
N ILE B 57 13.23 -12.32 -18.22
CA ILE B 57 12.39 -13.27 -17.49
C ILE B 57 12.43 -14.61 -18.22
N ARG B 58 13.06 -15.60 -17.61
CA ARG B 58 13.16 -16.91 -18.23
C ARG B 58 12.62 -18.05 -17.38
N SER B 59 11.83 -18.91 -18.01
CA SER B 59 11.26 -20.08 -17.33
C SER B 59 11.92 -21.32 -17.91
N MET B 60 12.20 -22.30 -17.05
CA MET B 60 12.83 -23.54 -17.47
C MET B 60 14.31 -23.31 -17.78
N GLY B 61 14.69 -22.05 -17.95
CA GLY B 61 16.06 -21.70 -18.25
C GLY B 61 16.17 -20.97 -19.58
N LYS B 62 15.04 -20.83 -20.25
CA LYS B 62 15.00 -20.15 -21.54
C LYS B 62 14.35 -18.77 -21.43
N CYS B 63 15.11 -17.75 -21.80
CA CYS B 63 14.65 -16.37 -21.74
C CYS B 63 13.39 -16.12 -22.57
N MET B 64 12.46 -15.37 -22.00
CA MET B 64 11.22 -15.02 -22.68
C MET B 64 11.54 -13.95 -23.72
N THR B 65 11.39 -14.30 -24.99
CA THR B 65 11.68 -13.36 -26.07
C THR B 65 10.48 -13.19 -27.00
N ALA B 66 10.38 -11.99 -27.58
CA ALA B 66 9.31 -11.67 -28.51
C ALA B 66 9.67 -12.24 -29.88
N ASN B 67 9.02 -13.34 -30.25
CA ASN B 67 9.29 -13.99 -31.53
C ASN B 67 9.54 -12.99 -32.67
N GLY B 68 8.68 -11.99 -32.76
CA GLY B 68 8.84 -11.00 -33.80
C GLY B 68 9.41 -9.69 -33.27
N LEU B 69 8.75 -8.59 -33.61
CA LEU B 69 9.19 -7.27 -33.16
C LEU B 69 8.20 -6.19 -33.59
N ASN B 70 7.05 -6.62 -34.09
CA ASN B 70 6.02 -5.69 -34.53
C ASN B 70 4.66 -6.08 -33.99
N SER B 71 3.82 -5.07 -33.78
CA SER B 71 2.48 -5.28 -33.26
C SER B 71 1.83 -6.53 -33.87
N GLY B 72 1.71 -7.57 -33.05
CA GLY B 72 1.12 -8.81 -33.52
C GLY B 72 1.98 -10.03 -33.27
N SER B 73 3.27 -9.81 -33.07
CA SER B 73 4.20 -10.90 -32.82
C SER B 73 3.94 -11.58 -31.48
N TYR B 74 3.70 -12.89 -31.52
CA TYR B 74 3.45 -13.65 -30.30
C TYR B 74 4.73 -13.82 -29.50
N ILE B 75 4.61 -14.30 -28.26
CA ILE B 75 5.76 -14.50 -27.40
C ILE B 75 6.09 -15.98 -27.26
N MET B 76 7.35 -16.26 -26.92
CA MET B 76 7.83 -17.62 -26.74
C MET B 76 9.22 -17.62 -26.11
N ILE B 77 9.69 -18.80 -25.71
CA ILE B 77 11.00 -18.92 -25.07
C ILE B 77 12.09 -19.35 -26.07
N THR B 78 13.34 -19.35 -25.62
CA THR B 78 14.46 -19.75 -26.47
C THR B 78 15.80 -19.53 -25.76
N ASP B 79 16.86 -20.15 -26.29
CA ASP B 79 18.18 -20.00 -25.69
C ASP B 79 18.56 -18.53 -25.56
N CYS B 80 18.86 -18.11 -24.34
CA CYS B 80 19.23 -16.73 -24.05
C CYS B 80 20.44 -16.27 -24.85
N SER B 81 21.35 -17.20 -25.13
CA SER B 81 22.57 -16.89 -25.86
C SER B 81 22.37 -16.60 -27.35
N THR B 82 21.40 -17.29 -27.96
CA THR B 82 21.14 -17.10 -29.39
C THR B 82 20.09 -16.03 -29.70
N ALA B 83 19.09 -15.92 -28.84
CA ALA B 83 18.04 -14.93 -29.05
C ALA B 83 18.55 -13.50 -29.01
N ALA B 84 17.88 -12.61 -29.73
CA ALA B 84 18.27 -11.21 -29.78
C ALA B 84 18.18 -10.54 -28.42
N GLU B 85 19.16 -9.68 -28.11
CA GLU B 85 19.19 -8.98 -26.83
C GLU B 85 18.00 -8.04 -26.64
N ASP B 86 17.72 -7.22 -27.65
CA ASP B 86 16.62 -6.26 -27.58
C ASP B 86 15.25 -6.95 -27.65
N ALA B 87 15.26 -8.28 -27.60
CA ALA B 87 14.02 -9.05 -27.67
C ALA B 87 13.87 -9.96 -26.46
N THR B 88 14.82 -9.90 -25.55
CA THR B 88 14.78 -10.74 -24.34
C THR B 88 14.61 -9.91 -23.07
N LYS B 89 14.72 -8.59 -23.21
CA LYS B 89 14.58 -7.69 -22.05
C LYS B 89 13.12 -7.30 -21.83
N TRP B 90 12.79 -7.02 -20.57
CA TRP B 90 11.42 -6.62 -20.21
C TRP B 90 11.40 -5.59 -19.10
N GLU B 91 10.20 -5.13 -18.77
CA GLU B 91 10.02 -4.12 -17.72
C GLU B 91 8.63 -4.26 -17.09
N VAL B 92 8.60 -4.64 -15.81
CA VAL B 92 7.35 -4.81 -15.09
C VAL B 92 6.98 -3.56 -14.31
N LEU B 93 6.25 -2.65 -14.95
CA LEU B 93 5.84 -1.40 -14.33
C LEU B 93 4.77 -1.64 -13.26
N ILE B 94 4.53 -0.65 -12.44
CA ILE B 94 3.53 -0.75 -11.38
C ILE B 94 2.12 -0.66 -11.93
N ASP B 95 2.01 -0.40 -13.24
CA ASP B 95 0.71 -0.31 -13.89
C ASP B 95 0.24 -1.70 -14.31
N GLY B 96 1.04 -2.70 -13.99
CA GLY B 96 0.70 -4.07 -14.35
C GLY B 96 0.89 -4.31 -15.83
N SER B 97 1.71 -3.47 -16.46
CA SER B 97 1.99 -3.58 -17.89
C SER B 97 3.40 -4.09 -18.14
N ILE B 98 3.51 -5.29 -18.70
CA ILE B 98 4.80 -5.88 -19.02
C ILE B 98 5.29 -5.32 -20.35
N ILE B 99 5.99 -4.19 -20.30
CA ILE B 99 6.50 -3.54 -21.49
C ILE B 99 7.88 -4.03 -21.93
N ASN B 100 8.20 -3.77 -23.19
CA ASN B 100 9.47 -4.17 -23.78
C ASN B 100 10.22 -2.90 -24.21
N PRO B 101 11.17 -2.44 -23.39
CA PRO B 101 11.98 -1.25 -23.65
C PRO B 101 12.19 -0.90 -25.12
N SER B 102 12.72 -1.84 -25.89
CA SER B 102 12.97 -1.62 -27.32
C SER B 102 11.69 -1.42 -28.13
N SER B 103 11.06 -2.52 -28.52
CA SER B 103 9.83 -2.47 -29.31
C SER B 103 8.78 -1.51 -28.75
N GLY B 104 8.88 -1.21 -27.45
CA GLY B 104 7.93 -0.31 -26.84
C GLY B 104 6.56 -0.95 -26.68
N LEU B 105 6.45 -2.21 -27.07
CA LEU B 105 5.20 -2.95 -26.98
C LEU B 105 5.08 -3.64 -25.62
N VAL B 106 3.87 -4.06 -25.28
CA VAL B 106 3.61 -4.73 -24.02
C VAL B 106 2.89 -6.06 -24.22
N MET B 107 3.09 -6.98 -23.27
CA MET B 107 2.45 -8.30 -23.34
C MET B 107 0.94 -8.12 -23.34
N THR B 108 0.26 -8.77 -24.28
CA THR B 108 -1.19 -8.65 -24.37
C THR B 108 -1.93 -9.97 -24.46
N ALA B 109 -3.06 -10.05 -23.76
CA ALA B 109 -3.89 -11.24 -23.74
C ALA B 109 -5.20 -10.93 -24.47
N PRO B 110 -5.30 -11.32 -25.75
CA PRO B 110 -6.49 -11.08 -26.57
C PRO B 110 -7.78 -11.69 -26.01
N SER B 111 -7.64 -12.71 -25.16
CA SER B 111 -8.80 -13.37 -24.58
C SER B 111 -8.47 -14.13 -23.30
N GLY B 112 -9.37 -14.07 -22.33
CA GLY B 112 -9.15 -14.76 -21.07
C GLY B 112 -9.38 -16.25 -21.19
N ALA B 113 -9.77 -16.70 -22.39
CA ALA B 113 -10.02 -18.11 -22.63
C ALA B 113 -8.72 -18.91 -22.56
N SER B 114 -8.78 -20.05 -21.88
CA SER B 114 -7.61 -20.91 -21.73
C SER B 114 -6.92 -21.18 -23.06
N ARG B 115 -5.61 -21.35 -23.01
CA ARG B 115 -4.80 -21.63 -24.20
C ARG B 115 -4.56 -20.41 -25.08
N THR B 116 -5.27 -19.32 -24.81
CA THR B 116 -5.09 -18.10 -25.60
C THR B 116 -3.61 -17.73 -25.67
N THR B 117 -3.03 -17.89 -26.86
CA THR B 117 -1.63 -17.59 -27.08
C THR B 117 -1.33 -16.10 -26.96
N LEU B 118 -0.37 -15.77 -26.10
CA LEU B 118 0.02 -14.37 -25.88
C LEU B 118 0.63 -13.77 -27.14
N LEU B 119 0.68 -12.45 -27.20
CA LEU B 119 1.23 -11.76 -28.35
C LEU B 119 1.42 -10.27 -28.08
N LEU B 120 2.65 -9.79 -28.26
CA LEU B 120 2.97 -8.39 -28.03
C LEU B 120 2.14 -7.50 -28.94
N GLU B 121 1.33 -6.63 -28.33
CA GLU B 121 0.47 -5.73 -29.09
C GLU B 121 0.66 -4.28 -28.66
N ASN B 122 0.03 -3.37 -29.40
CA ASN B 122 0.13 -1.94 -29.11
C ASN B 122 -0.36 -1.62 -27.70
N ASN B 123 0.41 -0.80 -26.99
CA ASN B 123 0.06 -0.41 -25.63
C ASN B 123 -1.01 0.67 -25.63
N ILE B 124 -2.24 0.25 -25.33
CA ILE B 124 -3.36 1.19 -25.29
C ILE B 124 -4.00 1.26 -23.90
N HIS B 125 -3.33 0.64 -22.92
CA HIS B 125 -3.82 0.63 -21.56
C HIS B 125 -5.21 0.01 -21.45
N ALA B 126 -5.27 -1.32 -21.50
CA ALA B 126 -6.53 -2.04 -21.40
C ALA B 126 -6.39 -3.17 -20.39
N ALA B 127 -7.51 -3.68 -19.90
CA ALA B 127 -7.49 -4.75 -18.92
C ALA B 127 -6.90 -6.04 -19.49
N SER B 128 -6.51 -6.00 -20.76
CA SER B 128 -5.92 -7.16 -21.43
C SER B 128 -4.42 -7.18 -21.19
N GLN B 129 -3.86 -6.02 -20.89
CA GLN B 129 -2.42 -5.87 -20.65
C GLN B 129 -2.09 -5.82 -19.16
N GLY B 130 -3.01 -6.27 -18.32
CA GLY B 130 -2.78 -6.27 -16.89
C GLY B 130 -2.01 -7.51 -16.51
N TRP B 131 -0.96 -7.34 -15.70
CA TRP B 131 -0.14 -8.47 -15.27
C TRP B 131 0.52 -8.22 -13.91
N THR B 132 0.25 -9.11 -12.97
CA THR B 132 0.82 -9.02 -11.63
C THR B 132 1.65 -10.26 -11.35
N VAL B 133 2.93 -10.06 -11.04
CA VAL B 133 3.83 -11.17 -10.75
C VAL B 133 3.92 -11.49 -9.27
N SER B 134 3.59 -12.72 -8.91
CA SER B 134 3.63 -13.17 -7.52
C SER B 134 3.31 -14.66 -7.44
N ASN B 135 3.67 -15.29 -6.33
CA ASN B 135 3.42 -16.72 -6.13
C ASN B 135 1.98 -16.95 -5.68
N ASP B 136 1.26 -15.86 -5.46
CA ASP B 136 -0.13 -15.92 -5.04
C ASP B 136 -1.05 -15.46 -6.16
N VAL B 137 -1.61 -16.42 -6.88
CA VAL B 137 -2.52 -16.12 -7.98
C VAL B 137 -3.91 -15.76 -7.49
N GLN B 138 -4.12 -15.92 -6.18
CA GLN B 138 -5.41 -15.62 -5.56
C GLN B 138 -5.61 -14.12 -5.37
N PRO B 139 -6.64 -13.55 -6.02
CA PRO B 139 -6.91 -12.11 -5.90
C PRO B 139 -7.22 -11.69 -4.46
N ILE B 140 -7.09 -10.40 -4.19
CA ILE B 140 -7.34 -9.86 -2.86
C ILE B 140 -8.82 -9.53 -2.65
N ALA B 141 -9.35 -9.93 -1.50
CA ALA B 141 -10.74 -9.68 -1.15
C ALA B 141 -10.80 -8.55 -0.12
N THR B 142 -11.40 -7.43 -0.49
CA THR B 142 -11.48 -6.29 0.41
C THR B 142 -12.55 -5.28 0.05
N LEU B 143 -12.88 -4.40 0.99
CA LEU B 143 -13.88 -3.37 0.77
C LEU B 143 -13.20 -2.08 0.33
N ILE B 144 -13.99 -1.08 -0.04
CA ILE B 144 -13.43 0.19 -0.49
C ILE B 144 -14.15 1.37 0.16
N VAL B 145 -13.54 1.93 1.20
CA VAL B 145 -14.11 3.07 1.89
C VAL B 145 -13.70 4.36 1.18
N GLY B 146 -14.69 5.18 0.84
CA GLY B 146 -14.40 6.42 0.14
C GLY B 146 -14.71 7.67 0.93
N TYR B 147 -15.93 8.19 0.76
CA TYR B 147 -16.35 9.39 1.47
C TYR B 147 -17.34 9.08 2.58
N ASN B 148 -17.31 9.89 3.64
CA ASN B 148 -18.22 9.70 4.76
C ASN B 148 -18.01 8.33 5.39
N GLU B 149 -16.81 7.78 5.24
CA GLU B 149 -16.48 6.47 5.79
C GLU B 149 -17.43 5.39 5.27
N MET B 150 -18.06 5.65 4.13
CA MET B 150 -18.98 4.68 3.53
C MET B 150 -18.23 3.79 2.56
N CYS B 151 -18.82 2.64 2.24
CA CYS B 151 -18.18 1.70 1.32
C CYS B 151 -18.87 1.65 -0.04
N LEU B 152 -18.07 1.62 -1.10
CA LEU B 152 -18.59 1.55 -2.46
C LEU B 152 -19.20 0.17 -2.70
N GLN B 153 -20.52 0.12 -2.83
CA GLN B 153 -21.21 -1.14 -3.04
C GLN B 153 -21.76 -1.28 -4.45
N ALA B 154 -21.72 -2.51 -4.95
CA ALA B 154 -22.23 -2.82 -6.29
C ALA B 154 -23.64 -3.37 -6.15
N ASN B 155 -24.47 -3.15 -7.17
CA ASN B 155 -25.84 -3.62 -7.14
C ASN B 155 -26.08 -4.71 -8.18
N GLY B 156 -26.60 -4.31 -9.34
CA GLY B 156 -26.85 -5.27 -10.40
C GLY B 156 -26.04 -4.95 -11.64
N GLU B 157 -26.06 -5.88 -12.60
CA GLU B 157 -25.33 -5.70 -13.84
C GLU B 157 -25.80 -4.45 -14.58
N ASN B 158 -24.85 -3.70 -15.14
CA ASN B 158 -25.16 -2.49 -15.88
C ASN B 158 -25.88 -1.47 -15.01
N ASN B 159 -25.37 -1.27 -13.80
CA ASN B 159 -25.96 -0.31 -12.87
C ASN B 159 -24.88 0.44 -12.10
N ASN B 160 -25.04 1.76 -12.01
CA ASN B 160 -24.07 2.61 -11.32
C ASN B 160 -23.70 2.08 -9.94
N VAL B 161 -22.54 2.51 -9.44
CA VAL B 161 -22.07 2.10 -8.12
C VAL B 161 -22.04 3.31 -7.20
N TRP B 162 -22.67 3.18 -6.03
CA TRP B 162 -22.70 4.27 -5.06
C TRP B 162 -22.27 3.79 -3.68
N MET B 163 -21.92 4.74 -2.82
CA MET B 163 -21.47 4.43 -1.47
C MET B 163 -22.62 4.18 -0.50
N GLU B 164 -22.58 3.02 0.15
CA GLU B 164 -23.60 2.64 1.12
C GLU B 164 -22.92 2.37 2.45
N ASP B 165 -23.68 2.45 3.54
CA ASP B 165 -23.14 2.21 4.87
C ASP B 165 -22.35 0.90 4.87
N CYS B 166 -21.05 1.00 5.15
CA CYS B 166 -20.17 -0.16 5.17
C CYS B 166 -20.77 -1.35 5.91
N ASP B 167 -20.97 -2.44 5.19
CA ASP B 167 -21.52 -3.67 5.76
C ASP B 167 -20.64 -4.86 5.37
N VAL B 168 -19.66 -5.15 6.21
CA VAL B 168 -18.74 -6.24 5.98
C VAL B 168 -19.43 -7.57 5.67
N THR B 169 -20.50 -7.88 6.39
CA THR B 169 -21.24 -9.12 6.18
C THR B 169 -21.85 -9.20 4.79
N SER B 170 -22.29 -8.06 4.27
CA SER B 170 -22.89 -8.00 2.95
C SER B 170 -21.89 -8.31 1.85
N VAL B 171 -22.34 -9.02 0.81
CA VAL B 171 -21.48 -9.37 -0.30
C VAL B 171 -21.58 -8.33 -1.40
N GLN B 172 -22.59 -7.47 -1.30
CA GLN B 172 -22.80 -6.41 -2.29
C GLN B 172 -21.71 -5.34 -2.14
N GLN B 173 -20.85 -5.50 -1.14
CA GLN B 173 -19.77 -4.55 -0.91
C GLN B 173 -18.41 -5.23 -0.90
N GLN B 174 -18.40 -6.52 -1.22
CA GLN B 174 -17.16 -7.28 -1.27
C GLN B 174 -16.54 -7.20 -2.66
N TRP B 175 -15.27 -6.86 -2.73
CA TRP B 175 -14.58 -6.72 -4.01
C TRP B 175 -13.35 -7.62 -4.14
N ALA B 176 -13.01 -7.97 -5.38
CA ALA B 176 -11.86 -8.82 -5.65
C ALA B 176 -10.89 -8.10 -6.59
N LEU B 177 -9.73 -7.74 -6.07
CA LEU B 177 -8.72 -7.04 -6.85
C LEU B 177 -7.89 -8.02 -7.69
N PHE B 178 -8.33 -8.24 -8.93
CA PHE B 178 -7.65 -9.16 -9.83
C PHE B 178 -6.23 -8.69 -10.14
N ASP B 179 -5.38 -9.61 -10.59
CA ASP B 179 -4.01 -9.30 -10.92
C ASP B 179 -3.92 -8.58 -12.26
N ASP B 180 -4.94 -8.76 -13.08
CA ASP B 180 -4.98 -8.12 -14.40
C ASP B 180 -5.34 -6.64 -14.27
N ARG B 181 -5.40 -6.17 -13.02
CA ARG B 181 -5.72 -4.78 -12.73
C ARG B 181 -7.19 -4.45 -12.97
N THR B 182 -8.07 -5.42 -12.74
CA THR B 182 -9.50 -5.24 -12.92
C THR B 182 -10.21 -5.55 -11.61
N ILE B 183 -11.15 -4.70 -11.21
CA ILE B 183 -11.88 -4.90 -9.97
C ILE B 183 -13.24 -5.53 -10.24
N ARG B 184 -13.38 -6.80 -9.86
CA ARG B 184 -14.63 -7.52 -10.06
C ARG B 184 -15.30 -7.89 -8.73
N VAL B 185 -16.63 -7.91 -8.74
CA VAL B 185 -17.40 -8.26 -7.55
C VAL B 185 -16.99 -9.65 -7.06
N ASN B 186 -16.59 -9.73 -5.81
CA ASN B 186 -16.17 -11.00 -5.22
C ASN B 186 -17.18 -12.12 -5.48
N ASN B 187 -18.47 -11.80 -5.37
CA ASN B 187 -19.51 -12.80 -5.60
C ASN B 187 -19.29 -13.40 -6.99
N SER B 188 -19.84 -12.76 -8.00
CA SER B 188 -19.68 -13.24 -9.37
C SER B 188 -18.44 -12.56 -9.95
N ARG B 189 -17.30 -13.23 -9.85
CA ARG B 189 -16.04 -12.70 -10.35
C ARG B 189 -16.00 -12.54 -11.87
N GLY B 190 -17.18 -12.48 -12.49
CA GLY B 190 -17.26 -12.33 -13.93
C GLY B 190 -17.66 -10.93 -14.34
N LEU B 191 -17.88 -10.07 -13.35
CA LEU B 191 -18.28 -8.69 -13.61
C LEU B 191 -17.23 -7.73 -13.05
N CYS B 192 -16.69 -6.89 -13.95
CA CYS B 192 -15.66 -5.92 -13.56
C CYS B 192 -16.24 -4.51 -13.48
N VAL B 193 -15.62 -3.66 -12.67
CA VAL B 193 -16.06 -2.28 -12.52
C VAL B 193 -15.69 -1.49 -13.77
N THR B 194 -16.52 -1.61 -14.79
CA THR B 194 -16.30 -0.94 -16.07
C THR B 194 -16.78 0.50 -16.07
N SER B 195 -15.92 1.41 -16.53
CA SER B 195 -16.30 2.83 -16.62
C SER B 195 -17.22 3.00 -17.82
N ASN B 196 -17.62 4.23 -18.10
CA ASN B 196 -18.51 4.49 -19.23
C ASN B 196 -17.90 5.40 -20.29
N GLY B 197 -16.64 5.77 -20.13
CA GLY B 197 -16.00 6.64 -21.11
C GLY B 197 -14.62 7.10 -20.68
N TYR B 198 -14.14 8.17 -21.30
CA TYR B 198 -12.82 8.71 -20.97
C TYR B 198 -12.91 10.19 -20.66
N VAL B 199 -14.09 10.76 -20.87
CA VAL B 199 -14.31 12.19 -20.60
C VAL B 199 -14.77 12.38 -19.17
N SER B 200 -14.17 13.34 -18.48
CA SER B 200 -14.52 13.62 -17.09
C SER B 200 -16.03 13.82 -16.94
N LYS B 201 -16.59 13.26 -15.88
CA LYS B 201 -18.01 13.34 -15.58
C LYS B 201 -18.81 12.15 -16.12
N ASP B 202 -18.12 11.06 -16.43
CA ASP B 202 -18.78 9.86 -16.93
C ASP B 202 -19.03 8.88 -15.80
N LEU B 203 -20.20 8.26 -15.82
CA LEU B 203 -20.58 7.31 -14.78
C LEU B 203 -19.71 6.05 -14.75
N ILE B 204 -19.86 5.28 -13.67
CA ILE B 204 -19.10 4.04 -13.49
C ILE B 204 -20.03 2.95 -12.98
N VAL B 205 -20.36 2.00 -13.86
CA VAL B 205 -21.26 0.91 -13.50
C VAL B 205 -20.52 -0.42 -13.30
N ILE B 206 -21.27 -1.51 -13.34
CA ILE B 206 -20.68 -2.84 -13.17
C ILE B 206 -21.17 -3.80 -14.25
N ARG B 207 -20.34 -4.00 -15.27
CA ARG B 207 -20.69 -4.90 -16.38
C ARG B 207 -19.60 -5.94 -16.60
N LYS B 208 -19.89 -6.92 -17.46
CA LYS B 208 -18.96 -7.99 -17.77
C LYS B 208 -17.52 -7.50 -18.02
N CYS B 209 -16.58 -8.43 -17.93
CA CYS B 209 -15.17 -8.12 -18.14
C CYS B 209 -14.79 -8.49 -19.58
N GLN B 210 -14.01 -7.63 -20.23
CA GLN B 210 -13.59 -7.87 -21.60
C GLN B 210 -12.25 -7.20 -21.90
N GLY B 211 -11.38 -7.15 -20.90
CA GLY B 211 -10.09 -6.53 -21.09
C GLY B 211 -10.21 -5.11 -21.59
N LEU B 212 -11.35 -4.48 -21.31
CA LEU B 212 -11.61 -3.11 -21.73
C LEU B 212 -10.65 -2.13 -21.06
N ALA B 213 -10.38 -1.02 -21.74
CA ALA B 213 -9.48 0.01 -21.21
C ALA B 213 -10.15 0.77 -20.08
N THR B 214 -11.48 0.75 -20.08
CA THR B 214 -12.25 1.44 -19.05
C THR B 214 -12.32 0.57 -17.79
N GLN B 215 -11.80 -0.64 -17.89
CA GLN B 215 -11.80 -1.58 -16.77
C GLN B 215 -10.41 -1.68 -16.15
N ARG B 216 -9.51 -0.80 -16.59
CA ARG B 216 -8.15 -0.77 -16.06
C ARG B 216 -8.11 0.16 -14.86
N TRP B 217 -7.67 -0.36 -13.71
CA TRP B 217 -7.60 0.44 -12.50
C TRP B 217 -6.24 0.33 -11.83
N PHE B 218 -5.58 1.47 -11.66
CA PHE B 218 -4.28 1.53 -11.02
C PHE B 218 -4.41 2.26 -9.69
N PHE B 219 -4.31 1.53 -8.59
CA PHE B 219 -4.43 2.10 -7.26
C PHE B 219 -3.26 3.03 -6.95
N ASN B 220 -3.38 4.29 -7.36
CA ASN B 220 -2.33 5.27 -7.12
C ASN B 220 -1.95 5.31 -5.63
N SER B 221 -0.65 5.33 -5.35
CA SER B 221 -0.15 5.36 -3.99
C SER B 221 -0.65 6.58 -3.22
N ASP B 222 -1.15 7.58 -3.93
CA ASP B 222 -1.64 8.79 -3.30
C ASP B 222 -3.02 8.55 -2.68
N GLY B 223 -3.59 7.38 -2.95
CA GLY B 223 -4.89 7.04 -2.41
C GLY B 223 -6.01 7.02 -3.43
N SER B 224 -5.80 7.65 -4.57
CA SER B 224 -6.82 7.70 -5.61
C SER B 224 -6.82 6.45 -6.48
N VAL B 225 -7.98 6.16 -7.06
CA VAL B 225 -8.15 4.99 -7.93
C VAL B 225 -8.54 5.47 -9.32
N VAL B 226 -7.55 5.61 -10.19
CA VAL B 226 -7.76 6.09 -11.56
C VAL B 226 -7.60 4.98 -12.59
N ASN B 227 -8.03 5.26 -13.82
CA ASN B 227 -7.91 4.31 -14.92
C ASN B 227 -6.65 4.68 -15.68
N LEU B 228 -6.00 3.70 -16.28
CA LEU B 228 -4.76 3.94 -17.02
C LEU B 228 -4.87 4.87 -18.22
N LYS B 229 -5.83 4.61 -19.09
CA LYS B 229 -6.02 5.43 -20.28
C LYS B 229 -5.91 6.93 -19.99
N SER B 230 -6.94 7.47 -19.34
CA SER B 230 -6.97 8.89 -19.00
C SER B 230 -6.53 9.10 -17.55
N THR B 231 -6.32 10.35 -17.17
CA THR B 231 -5.90 10.67 -15.80
C THR B 231 -7.12 10.76 -14.88
N ARG B 232 -8.30 10.62 -15.47
CA ARG B 232 -9.53 10.69 -14.71
C ARG B 232 -9.50 9.74 -13.51
N VAL B 233 -10.06 10.21 -12.39
CA VAL B 233 -10.09 9.42 -11.16
C VAL B 233 -11.50 9.01 -10.78
N MET B 234 -11.61 7.89 -10.07
CA MET B 234 -12.92 7.40 -9.62
C MET B 234 -13.25 8.14 -8.32
N ASP B 235 -14.37 8.84 -8.30
CA ASP B 235 -14.78 9.58 -7.11
C ASP B 235 -16.29 9.66 -6.95
N VAL B 236 -16.74 10.53 -6.06
CA VAL B 236 -18.15 10.73 -5.80
C VAL B 236 -18.57 12.09 -6.33
N LYS B 237 -19.59 12.10 -7.18
CA LYS B 237 -20.10 13.33 -7.78
C LYS B 237 -20.41 14.42 -6.76
N GLU B 238 -19.87 15.61 -7.01
CA GLU B 238 -20.08 16.76 -6.14
C GLU B 238 -19.87 16.45 -4.67
N SER B 239 -19.04 15.45 -4.38
CA SER B 239 -18.75 15.07 -3.00
C SER B 239 -20.03 14.70 -2.27
N ASP B 240 -21.13 14.60 -3.02
CA ASP B 240 -22.43 14.25 -2.46
C ASP B 240 -22.75 12.81 -2.79
N VAL B 241 -22.71 11.95 -1.77
CA VAL B 241 -22.98 10.54 -1.93
C VAL B 241 -24.46 10.28 -2.24
N SER B 242 -25.31 11.20 -1.81
CA SER B 242 -26.75 11.06 -2.03
C SER B 242 -27.09 10.93 -3.52
N LEU B 243 -26.26 11.53 -4.37
CA LEU B 243 -26.48 11.48 -5.81
C LEU B 243 -26.39 10.05 -6.33
N GLN B 244 -25.77 9.18 -5.53
CA GLN B 244 -25.61 7.78 -5.91
C GLN B 244 -24.95 7.67 -7.28
N GLU B 245 -23.90 8.46 -7.49
CA GLU B 245 -23.21 8.45 -8.77
C GLU B 245 -21.70 8.61 -8.66
N VAL B 246 -20.98 7.50 -8.91
CA VAL B 246 -19.52 7.53 -8.86
C VAL B 246 -19.06 7.74 -10.30
N ILE B 247 -18.14 8.68 -10.51
CA ILE B 247 -17.67 8.99 -11.86
C ILE B 247 -16.16 9.17 -11.98
N ILE B 248 -15.72 9.55 -13.18
CA ILE B 248 -14.30 9.78 -13.46
C ILE B 248 -14.05 11.28 -13.55
N PHE B 249 -13.08 11.77 -12.77
CA PHE B 249 -12.77 13.19 -12.76
C PHE B 249 -11.29 13.43 -12.46
N PRO B 250 -10.67 14.39 -13.17
CA PRO B 250 -9.24 14.72 -12.97
C PRO B 250 -8.84 14.76 -11.50
N ALA B 251 -7.59 14.38 -11.22
CA ALA B 251 -7.10 14.37 -9.85
C ALA B 251 -7.12 15.76 -9.24
N THR B 252 -7.99 15.95 -8.26
CA THR B 252 -8.13 17.24 -7.59
C THR B 252 -7.43 17.18 -6.23
N GLY B 253 -7.28 15.96 -5.72
CA GLY B 253 -6.63 15.78 -4.43
C GLY B 253 -7.58 15.94 -3.26
N ASN B 254 -8.87 16.05 -3.57
CA ASN B 254 -9.89 16.21 -2.54
C ASN B 254 -10.38 14.86 -2.01
N PRO B 255 -10.70 14.80 -0.71
CA PRO B 255 -11.19 13.61 0.00
C PRO B 255 -12.11 12.67 -0.80
N ASN B 256 -13.12 13.23 -1.45
CA ASN B 256 -14.07 12.43 -2.22
C ASN B 256 -13.43 11.70 -3.41
N GLN B 257 -12.12 11.81 -3.54
CA GLN B 257 -11.40 11.16 -4.61
C GLN B 257 -10.42 10.13 -4.03
N GLN B 258 -10.39 10.06 -2.71
CA GLN B 258 -9.51 9.12 -2.01
C GLN B 258 -10.27 7.85 -1.62
N TRP B 259 -9.59 6.71 -1.73
CA TRP B 259 -10.18 5.42 -1.40
C TRP B 259 -9.24 4.59 -0.55
N ARG B 260 -9.68 3.37 -0.23
CA ARG B 260 -8.88 2.48 0.59
C ARG B 260 -9.46 1.07 0.62
N THR B 261 -8.67 0.09 0.18
CA THR B 261 -9.09 -1.31 0.18
C THR B 261 -8.81 -1.88 1.56
N GLN B 262 -9.85 -1.94 2.40
CA GLN B 262 -9.71 -2.44 3.76
C GLN B 262 -9.87 -3.94 3.94
N VAL B 263 -9.02 -4.72 3.29
CA VAL B 263 -9.02 -6.19 3.39
C VAL B 263 -10.43 -6.78 3.46
N PRO B 264 -10.55 -8.11 3.66
CA PRO B 264 -11.88 -8.74 3.74
C PRO B 264 -12.95 -7.85 4.36
C1 NAG C . -14.87 -14.01 -2.16
C2 NAG C . -14.93 -14.52 -0.72
C3 NAG C . -14.43 -15.96 -0.67
C4 NAG C . -15.17 -16.84 -1.69
C5 NAG C . -15.11 -16.19 -3.08
C6 NAG C . -15.94 -16.93 -4.12
C7 NAG C . -14.61 -13.22 1.27
C8 NAG C . -13.70 -12.35 2.12
N2 NAG C . -14.12 -13.68 0.13
O3 NAG C . -14.65 -16.48 0.64
O4 NAG C . -14.56 -18.14 -1.73
O5 NAG C . -15.63 -14.84 -3.03
O6 NAG C . -16.11 -16.14 -5.29
O7 NAG C . -15.76 -13.47 1.66
C1 NAG C . -15.00 -19.09 -0.82
C2 NAG C . -16.31 -19.73 -1.30
C3 NAG C . -16.10 -20.71 -2.47
C4 NAG C . -14.88 -21.62 -2.31
C5 NAG C . -13.63 -20.90 -1.76
C6 NAG C . -12.83 -20.08 -2.75
C7 NAG C . -16.49 -21.14 0.70
C8 NAG C . -17.42 -21.72 1.76
N2 NAG C . -17.06 -20.36 -0.22
O3 NAG C . -15.99 -19.97 -3.68
O4 NAG C . -15.19 -22.72 -1.48
O5 NAG C . -13.95 -20.06 -0.61
O6 NAG C . -13.64 -19.43 -3.71
O7 NAG C . -15.30 -21.40 0.74
C1 GAL D . -0.60 -29.03 -21.16
C2 GAL D . 0.47 -28.96 -20.05
C3 GAL D . 0.33 -27.65 -19.27
C4 GAL D . 0.34 -26.45 -20.23
C5 GAL D . -0.73 -26.64 -21.31
C6 GAL D . -0.77 -25.54 -22.34
O1 GAL D . -0.39 -30.16 -21.93
O2 GAL D . 0.31 -30.06 -19.16
O3 GAL D . 1.40 -27.53 -18.34
O4 GAL D . 1.62 -26.34 -20.84
O5 GAL D . -0.50 -27.89 -22.01
O6 GAL D . -0.85 -24.26 -21.73
C1 GAL E . -14.01 17.44 -7.46
C2 GAL E . -14.31 16.02 -7.00
C3 GAL E . -15.30 15.35 -7.96
C4 GAL E . -16.54 16.22 -8.11
C5 GAL E . -16.14 17.64 -8.55
C6 GAL E . -17.32 18.58 -8.66
O1 GAL E . -13.19 18.07 -6.55
O2 GAL E . -13.11 15.26 -6.94
O3 GAL E . -15.66 14.08 -7.46
O4 GAL E . -17.23 16.27 -6.87
O5 GAL E . -15.22 18.20 -7.58
O6 GAL E . -17.89 18.85 -7.39
#